data_6FBT
#
_entry.id   6FBT
#
_cell.length_a   165.526
_cell.length_b   165.526
_cell.length_c   54.733
_cell.angle_alpha   90.00
_cell.angle_beta   90.00
_cell.angle_gamma   120.00
#
_symmetry.space_group_name_H-M   'P 63'
#
loop_
_entity.id
_entity.type
_entity.pdbx_description
1 polymer 'Probable soluble lytic transglycosylase'
2 polymer NAG-anhNAMpentapeptide
3 non-polymer 'PHOSPHATE ION'
4 non-polymer 2-acetamido-2-deoxy-beta-D-glucopyranose
5 non-polymer '2-(2-ACETYLAMINO-4-HYDROXY-6,8-DIOXA-BICYCLO[3.2.1]OCT-3-YLOXY)-PROPIONIC ACID'
6 water water
#
loop_
_entity_poly.entity_id
_entity_poly.type
_entity_poly.pdbx_seq_one_letter_code
_entity_poly.pdbx_strand_id
1 'polypeptide(L)'
;QRRLYDQAKAALAKGNSAPYMASRSALRDYPLEPYLAYDELTHRLKSASNEEVERFLTEHGDLPQIGWLKLRWLRLLADR
GDWKTFVNYYDPKLNFTELDCLYGQYQLGHGQKAEGYATSERLWLVGKSQPAACDTLFGLWQGEGQLTEEKVWKRLKLAA
EARNYSLASHLAQRLPTLGNQGALMVSVAQNPAQLSQTGRFSQRDHATADVVGLGLRRLARQDPEKALSLLDYYSSALPF
SSDEKVAIAREIGLSLAKRFDPRALPLMTQYDPGLRDNTVTEWRTRLLLRLGRWDEAYALTRKLPQDLAATSRWRYWQAR
SLQLAQPNSKEPIALYQKLAGERDFYGFLAADRLSVPYKLGNRPAHIDPRVLQRVRNAASTRRAMEFFNRGEVINARREW
YHAARLFDRDELIAQARLAYDMQWYFPAIRSISQAQYWDDLDIRFPMAHRATLVREAKNRGLHSSWIFAITRQESAFMSD
ARSGVGATGLMQLMPGTAKETSRKFGIPLASTQQLIVPDVNIRLGAAYLSQVHSQFNGNRVLASAAYNAGPGRVRQWLKD
TRHLAFDVWIETIPFDETRQYVQNVLSYAVIYGQKLNAPQPIVDWHERYF
;
A
2 'polypeptide(D)' A(DGL)(API)(DAL)(DAL) E
#
# COMPACT_ATOMS: atom_id res chain seq x y z
N GLN A 1 1.48 -40.43 16.25
CA GLN A 1 2.63 -40.57 17.18
C GLN A 1 3.54 -39.32 17.06
N ARG A 2 4.87 -39.48 17.14
CA ARG A 2 5.82 -38.36 16.89
C ARG A 2 6.52 -38.61 15.54
N ARG A 3 5.89 -38.09 14.49
CA ARG A 3 6.32 -38.27 13.13
C ARG A 3 7.60 -37.50 12.84
N LEU A 4 8.66 -38.25 12.52
CA LEU A 4 9.90 -37.68 12.01
C LEU A 4 9.78 -37.60 10.47
N TYR A 5 8.94 -36.65 10.06
CA TYR A 5 8.77 -36.21 8.66
C TYR A 5 10.05 -35.46 8.17
N ASP A 6 10.96 -35.05 9.09
CA ASP A 6 12.25 -34.38 8.74
C ASP A 6 13.21 -35.26 7.98
N GLN A 7 13.15 -36.57 8.17
CA GLN A 7 13.98 -37.51 7.39
C GLN A 7 13.72 -37.36 5.90
N ALA A 8 12.42 -37.48 5.56
CA ALA A 8 11.96 -37.35 4.19
C ALA A 8 12.35 -36.00 3.58
N LYS A 9 12.07 -34.90 4.30
CA LYS A 9 12.47 -33.53 3.90
C LYS A 9 14.00 -33.35 3.75
N ALA A 10 14.76 -34.05 4.60
CA ALA A 10 16.23 -34.01 4.56
C ALA A 10 16.72 -34.78 3.36
N ALA A 11 16.18 -35.99 3.15
CA ALA A 11 16.47 -36.73 1.91
C ALA A 11 16.10 -35.95 0.65
N LEU A 12 14.81 -35.59 0.52
CA LEU A 12 14.28 -34.92 -0.68
C LEU A 12 14.98 -33.61 -1.01
N ALA A 13 14.91 -32.63 -0.12
CA ALA A 13 15.48 -31.28 -0.36
C ALA A 13 16.80 -31.16 0.42
N LYS A 14 17.97 -31.48 -0.16
CA LYS A 14 18.17 -31.84 -1.58
C LYS A 14 18.80 -33.27 -1.72
N GLY A 15 18.24 -34.05 -2.65
CA GLY A 15 18.62 -35.46 -2.85
C GLY A 15 17.49 -36.33 -3.40
N ASN A 16 17.01 -37.27 -2.57
CA ASN A 16 16.21 -38.39 -3.05
C ASN A 16 14.97 -38.70 -2.19
N SER A 17 14.10 -39.49 -2.81
CA SER A 17 12.74 -39.76 -2.35
C SER A 17 12.52 -41.17 -1.78
N ALA A 18 13.59 -41.83 -1.36
CA ALA A 18 13.50 -43.20 -0.85
C ALA A 18 12.81 -43.32 0.53
N PRO A 19 13.18 -42.43 1.50
CA PRO A 19 12.48 -42.48 2.80
C PRO A 19 11.03 -41.94 2.69
N TYR A 20 10.82 -40.89 1.88
CA TYR A 20 9.47 -40.41 1.64
C TYR A 20 8.56 -41.56 1.18
N MET A 21 8.96 -42.28 0.14
CA MET A 21 8.06 -43.32 -0.40
C MET A 21 7.89 -44.51 0.51
N ALA A 22 8.91 -44.81 1.32
CA ALA A 22 8.74 -45.76 2.45
C ALA A 22 7.60 -45.31 3.39
N SER A 23 7.72 -44.06 3.85
CA SER A 23 6.78 -43.43 4.82
C SER A 23 5.40 -42.96 4.30
N ARG A 24 5.28 -42.59 3.01
CA ARG A 24 4.02 -42.10 2.36
C ARG A 24 2.77 -42.87 2.83
N SER A 25 2.89 -44.19 2.86
CA SER A 25 1.94 -45.06 3.55
C SER A 25 2.45 -45.31 5.00
N ALA A 26 2.53 -44.21 5.77
CA ALA A 26 2.60 -44.20 7.24
C ALA A 26 2.08 -42.85 7.81
N LEU A 27 2.39 -41.75 7.10
CA LEU A 27 1.97 -40.39 7.45
C LEU A 27 0.66 -39.97 6.74
N ARG A 28 -0.33 -40.88 6.65
CA ARG A 28 -1.60 -40.63 5.91
C ARG A 28 -2.28 -39.41 6.46
N ASP A 29 -2.39 -39.37 7.79
CA ASP A 29 -3.09 -38.32 8.51
C ASP A 29 -2.09 -37.43 9.27
N TYR A 30 -0.96 -37.10 8.63
CA TYR A 30 -0.09 -36.02 9.09
C TYR A 30 -0.40 -34.81 8.19
N PRO A 31 -0.65 -33.63 8.82
CA PRO A 31 -1.08 -32.51 7.98
C PRO A 31 -0.04 -31.99 6.98
N LEU A 32 1.27 -32.12 7.30
CA LEU A 32 2.34 -31.61 6.42
C LEU A 32 2.79 -32.54 5.28
N GLU A 33 2.33 -33.79 5.29
CA GLU A 33 2.64 -34.78 4.23
C GLU A 33 2.61 -34.23 2.79
N PRO A 34 1.59 -33.43 2.43
CA PRO A 34 1.53 -32.93 1.05
C PRO A 34 2.63 -31.97 0.62
N TYR A 35 3.38 -31.40 1.58
CA TYR A 35 4.57 -30.63 1.27
C TYR A 35 5.69 -31.56 0.76
N LEU A 36 5.81 -32.73 1.37
CA LEU A 36 6.71 -33.79 0.84
C LEU A 36 6.32 -34.26 -0.57
N ALA A 37 5.02 -34.57 -0.75
CA ALA A 37 4.43 -34.96 -2.04
C ALA A 37 4.65 -33.92 -3.10
N TYR A 38 4.54 -32.65 -2.71
CA TYR A 38 4.78 -31.54 -3.61
C TYR A 38 6.21 -31.54 -4.16
N ASP A 39 7.19 -31.73 -3.29
CA ASP A 39 8.61 -31.70 -3.71
C ASP A 39 8.98 -32.93 -4.54
N GLU A 40 8.49 -34.09 -4.12
CA GLU A 40 8.70 -35.35 -4.85
C GLU A 40 8.25 -35.25 -6.32
N LEU A 41 7.09 -34.64 -6.54
CA LEU A 41 6.58 -34.36 -7.88
C LEU A 41 7.32 -33.23 -8.59
N THR A 42 7.76 -32.21 -7.86
CA THR A 42 8.39 -31.04 -8.47
C THR A 42 9.78 -31.37 -9.03
N HIS A 43 10.56 -32.16 -8.29
CA HIS A 43 11.87 -32.64 -8.77
C HIS A 43 11.76 -33.40 -10.10
N ARG A 44 10.65 -34.12 -10.31
CA ARG A 44 10.45 -34.87 -11.56
C ARG A 44 9.25 -34.40 -12.38
N LEU A 45 8.97 -33.10 -12.29
CA LEU A 45 7.84 -32.50 -12.98
C LEU A 45 7.94 -32.64 -14.46
N LYS A 46 9.15 -32.61 -15.01
CA LYS A 46 9.35 -32.62 -16.48
C LYS A 46 9.04 -33.97 -17.17
N SER A 47 9.04 -35.09 -16.42
CA SER A 47 8.63 -36.42 -16.93
C SER A 47 7.28 -36.94 -16.41
N ALA A 48 6.64 -36.20 -15.51
CA ALA A 48 5.35 -36.60 -14.96
C ALA A 48 4.22 -36.50 -15.98
N SER A 49 3.28 -37.44 -15.92
CA SER A 49 2.21 -37.48 -16.91
C SER A 49 1.18 -36.40 -16.53
N ASN A 50 0.45 -35.93 -17.55
CA ASN A 50 -0.65 -34.95 -17.32
C ASN A 50 -1.54 -35.46 -16.21
N GLU A 51 -1.91 -36.73 -16.30
CA GLU A 51 -2.81 -37.36 -15.34
C GLU A 51 -2.36 -37.24 -13.90
N GLU A 52 -1.08 -37.49 -13.65
CA GLU A 52 -0.56 -37.45 -12.29
C GLU A 52 -0.50 -36.00 -11.81
N VAL A 53 -0.11 -35.10 -12.71
CA VAL A 53 -0.09 -33.69 -12.36
C VAL A 53 -1.49 -33.18 -12.15
N GLU A 54 -2.44 -33.49 -13.03
CA GLU A 54 -3.84 -33.06 -12.82
C GLU A 54 -4.40 -33.61 -11.50
N ARG A 55 -4.02 -34.84 -11.14
CA ARG A 55 -4.49 -35.46 -9.91
C ARG A 55 -3.98 -34.69 -8.70
N PHE A 56 -2.75 -34.17 -8.78
CA PHE A 56 -2.18 -33.46 -7.66
C PHE A 56 -2.81 -32.08 -7.49
N LEU A 57 -3.11 -31.43 -8.61
CA LEU A 57 -3.84 -30.15 -8.60
C LEU A 57 -5.28 -30.29 -8.14
N THR A 58 -5.92 -31.44 -8.41
CA THR A 58 -7.30 -31.67 -7.94
C THR A 58 -7.34 -31.82 -6.43
N GLU A 59 -6.41 -32.58 -5.87
CA GLU A 59 -6.50 -33.04 -4.48
C GLU A 59 -5.67 -32.24 -3.49
N HIS A 60 -4.76 -31.40 -3.98
CA HIS A 60 -3.92 -30.59 -3.12
C HIS A 60 -3.81 -29.19 -3.67
N GLY A 61 -4.87 -28.70 -4.33
CA GLY A 61 -4.85 -27.39 -4.99
C GLY A 61 -4.95 -26.19 -4.05
N ASP A 62 -5.16 -26.47 -2.76
CA ASP A 62 -5.17 -25.47 -1.69
C ASP A 62 -3.80 -25.14 -1.11
N LEU A 63 -2.75 -25.86 -1.51
CA LEU A 63 -1.43 -25.57 -0.96
C LEU A 63 -1.03 -24.14 -1.34
N PRO A 64 -0.36 -23.43 -0.42
CA PRO A 64 0.19 -22.10 -0.71
C PRO A 64 1.00 -22.00 -1.99
N GLN A 65 1.92 -22.94 -2.19
CA GLN A 65 2.85 -22.93 -3.32
C GLN A 65 2.31 -23.57 -4.60
N ILE A 66 1.01 -23.90 -4.64
CA ILE A 66 0.43 -24.46 -5.87
C ILE A 66 0.60 -23.59 -7.12
N GLY A 67 0.64 -22.27 -6.93
CA GLY A 67 0.86 -21.34 -8.02
C GLY A 67 2.18 -21.55 -8.74
N TRP A 68 3.21 -21.93 -8.00
CA TRP A 68 4.55 -22.13 -8.59
C TRP A 68 4.54 -23.40 -9.40
N LEU A 69 3.81 -24.40 -8.92
CA LEU A 69 3.63 -25.62 -9.70
C LEU A 69 2.87 -25.29 -10.96
N LYS A 70 1.77 -24.56 -10.88
CA LYS A 70 0.98 -24.34 -12.10
C LYS A 70 1.80 -23.60 -13.19
N LEU A 71 2.61 -22.64 -12.75
CA LEU A 71 3.48 -21.87 -13.65
C LEU A 71 4.51 -22.76 -14.30
N ARG A 72 5.18 -23.62 -13.52
CA ARG A 72 6.23 -24.46 -14.07
C ARG A 72 5.63 -25.45 -15.05
N TRP A 73 4.46 -25.99 -14.69
CA TRP A 73 3.80 -26.98 -15.55
C TRP A 73 3.22 -26.35 -16.79
N LEU A 74 2.44 -25.26 -16.65
CA LEU A 74 1.84 -24.63 -17.86
C LEU A 74 2.89 -24.17 -18.87
N ARG A 75 4.03 -23.75 -18.36
CA ARG A 75 5.15 -23.38 -19.22
C ARG A 75 5.62 -24.57 -20.08
N LEU A 76 5.91 -25.72 -19.46
CA LEU A 76 6.16 -27.01 -20.19
C LEU A 76 5.08 -27.44 -21.21
N LEU A 77 3.82 -27.34 -20.83
CA LEU A 77 2.72 -27.74 -21.69
C LEU A 77 2.78 -26.93 -22.94
N ALA A 78 2.88 -25.62 -22.79
CA ALA A 78 3.02 -24.73 -23.97
C ALA A 78 4.31 -25.00 -24.72
N ASP A 79 5.42 -25.19 -24.01
CA ASP A 79 6.70 -25.43 -24.68
C ASP A 79 6.73 -26.80 -25.41
N ARG A 80 5.87 -27.76 -25.04
CA ARG A 80 5.70 -29.01 -25.84
C ARG A 80 4.61 -28.94 -26.89
N GLY A 81 3.80 -27.89 -26.91
CA GLY A 81 2.69 -27.83 -27.88
C GLY A 81 1.39 -28.44 -27.38
N ASP A 82 1.32 -28.77 -26.08
CA ASP A 82 0.12 -29.36 -25.51
C ASP A 82 -0.83 -28.22 -25.12
N TRP A 83 -1.38 -27.56 -26.13
CA TRP A 83 -2.23 -26.39 -25.91
C TRP A 83 -3.58 -26.71 -25.28
N LYS A 84 -4.16 -27.84 -25.64
CA LYS A 84 -5.43 -28.26 -25.04
C LYS A 84 -5.35 -28.40 -23.51
N THR A 85 -4.24 -28.90 -23.00
CA THR A 85 -4.11 -29.06 -21.54
C THR A 85 -3.78 -27.71 -20.89
N PHE A 86 -2.83 -26.97 -21.50
CA PHE A 86 -2.54 -25.57 -21.13
C PHE A 86 -3.81 -24.78 -20.88
N VAL A 87 -4.69 -24.75 -21.87
CA VAL A 87 -5.86 -23.89 -21.85
C VAL A 87 -6.85 -24.36 -20.79
N ASN A 88 -6.86 -25.65 -20.52
CA ASN A 88 -7.72 -26.14 -19.47
C ASN A 88 -7.29 -25.68 -18.09
N TYR A 89 -6.00 -25.35 -17.92
CA TYR A 89 -5.48 -24.92 -16.59
C TYR A 89 -5.02 -23.44 -16.45
N TYR A 90 -4.78 -22.75 -17.57
CA TYR A 90 -4.44 -21.33 -17.55
C TYR A 90 -5.47 -20.50 -16.78
N ASP A 91 -5.02 -19.87 -15.69
CA ASP A 91 -5.80 -19.00 -14.81
C ASP A 91 -5.24 -17.57 -14.88
N PRO A 92 -6.02 -16.61 -15.42
CA PRO A 92 -5.48 -15.25 -15.46
C PRO A 92 -5.25 -14.66 -14.05
N LYS A 93 -6.00 -15.13 -13.06
CA LYS A 93 -5.86 -14.62 -11.69
C LYS A 93 -4.64 -15.15 -10.94
N LEU A 94 -3.75 -15.85 -11.62
CA LEU A 94 -2.42 -16.10 -11.08
C LEU A 94 -1.48 -14.93 -11.29
N ASN A 95 -1.86 -14.02 -12.16
CA ASN A 95 -1.03 -12.85 -12.48
C ASN A 95 0.42 -13.18 -12.78
N PHE A 96 0.66 -14.26 -13.52
CA PHE A 96 1.97 -14.51 -14.10
C PHE A 96 1.83 -14.04 -15.54
N THR A 97 2.37 -12.85 -15.82
CA THR A 97 2.40 -12.27 -17.16
C THR A 97 3.02 -13.18 -18.21
N GLU A 98 3.97 -14.03 -17.82
CA GLU A 98 4.50 -15.08 -18.71
C GLU A 98 3.36 -15.96 -19.25
N LEU A 99 2.52 -16.46 -18.34
CA LEU A 99 1.34 -17.25 -18.73
C LEU A 99 0.38 -16.49 -19.61
N ASP A 100 0.15 -15.22 -19.29
CA ASP A 100 -0.82 -14.40 -20.03
C ASP A 100 -0.35 -14.25 -21.46
N CYS A 101 0.96 -14.19 -21.65
CA CYS A 101 1.49 -14.04 -22.97
C CYS A 101 1.39 -15.33 -23.80
N LEU A 102 1.58 -16.47 -23.15
CA LEU A 102 1.37 -17.79 -23.74
C LEU A 102 -0.10 -17.97 -24.14
N TYR A 103 -1.02 -17.61 -23.25
CA TYR A 103 -2.43 -17.66 -23.57
C TYR A 103 -2.79 -16.81 -24.77
N GLY A 104 -2.16 -15.66 -24.89
CA GLY A 104 -2.31 -14.84 -26.09
C GLY A 104 -1.85 -15.55 -27.36
N GLN A 105 -0.69 -16.21 -27.31
CA GLN A 105 -0.25 -17.02 -28.44
C GLN A 105 -1.23 -18.13 -28.75
N TYR A 106 -1.78 -18.76 -27.71
CA TYR A 106 -2.83 -19.76 -27.89
C TYR A 106 -3.96 -19.15 -28.72
N GLN A 107 -4.58 -18.09 -28.20
CA GLN A 107 -5.67 -17.40 -28.87
C GLN A 107 -5.43 -17.10 -30.37
N LEU A 108 -4.22 -16.64 -30.74
CA LEU A 108 -3.93 -16.30 -32.16
C LEU A 108 -3.76 -17.49 -33.07
N GLY A 109 -3.47 -18.66 -32.53
CA GLY A 109 -3.40 -19.87 -33.36
C GLY A 109 -4.53 -20.88 -33.15
N HIS A 110 -5.62 -20.46 -32.54
CA HIS A 110 -6.79 -21.31 -32.34
C HIS A 110 -8.06 -20.50 -32.59
N GLY A 111 -7.98 -19.62 -33.60
CA GLY A 111 -9.11 -18.89 -34.15
C GLY A 111 -9.74 -17.75 -33.39
N GLN A 112 -9.06 -17.26 -32.35
CA GLN A 112 -9.57 -16.12 -31.57
C GLN A 112 -8.69 -14.96 -31.87
N LYS A 113 -8.81 -14.42 -33.07
CA LYS A 113 -7.96 -13.30 -33.47
C LYS A 113 -8.32 -12.02 -32.75
N ALA A 114 -9.61 -11.71 -32.62
CA ALA A 114 -10.00 -10.49 -31.92
C ALA A 114 -9.51 -10.51 -30.47
N GLU A 115 -9.66 -11.67 -29.83
CA GLU A 115 -9.27 -11.85 -28.41
C GLU A 115 -7.73 -11.84 -28.25
N GLY A 116 -7.02 -12.55 -29.10
CA GLY A 116 -5.55 -12.46 -29.11
C GLY A 116 -4.95 -11.08 -29.42
N TYR A 117 -5.63 -10.28 -30.25
CA TYR A 117 -5.23 -8.90 -30.48
C TYR A 117 -5.48 -8.08 -29.24
N ALA A 118 -6.60 -8.30 -28.59
CA ALA A 118 -6.90 -7.59 -27.36
C ALA A 118 -5.91 -7.97 -26.23
N THR A 119 -5.65 -9.26 -26.09
CA THR A 119 -4.66 -9.75 -25.11
C THR A 119 -3.30 -9.17 -25.37
N SER A 120 -2.87 -9.17 -26.63
CA SER A 120 -1.58 -8.61 -27.02
C SER A 120 -1.40 -7.11 -26.65
N GLU A 121 -2.40 -6.30 -26.99
CA GLU A 121 -2.41 -4.87 -26.74
C GLU A 121 -2.39 -4.54 -25.27
N ARG A 122 -3.20 -5.26 -24.50
CA ARG A 122 -3.23 -5.14 -23.03
CA ARG A 122 -3.22 -5.13 -23.03
C ARG A 122 -1.80 -5.33 -22.45
N LEU A 123 -1.05 -6.28 -23.00
CA LEU A 123 0.32 -6.58 -22.54
C LEU A 123 1.38 -5.74 -23.24
N TRP A 124 1.07 -5.22 -24.44
CA TRP A 124 1.88 -4.17 -25.08
C TRP A 124 1.95 -2.85 -24.31
N LEU A 125 0.80 -2.33 -23.90
CA LEU A 125 0.69 -1.02 -23.25
C LEU A 125 1.07 -0.99 -21.78
N VAL A 126 2.30 -1.40 -21.49
CA VAL A 126 2.88 -1.24 -20.19
C VAL A 126 4.29 -0.67 -20.39
N GLY A 127 4.75 0.14 -19.43
CA GLY A 127 6.04 0.84 -19.50
C GLY A 127 7.26 0.08 -19.05
N LYS A 128 7.14 -1.23 -18.91
CA LYS A 128 8.21 -2.07 -18.42
C LYS A 128 8.45 -3.17 -19.43
N SER A 129 9.63 -3.77 -19.30
CA SER A 129 10.03 -4.88 -20.15
C SER A 129 9.22 -6.11 -19.77
N GLN A 130 8.59 -6.73 -20.77
CA GLN A 130 7.79 -7.94 -20.50
C GLN A 130 8.63 -9.22 -20.70
N PRO A 131 8.19 -10.34 -20.13
CA PRO A 131 8.94 -11.60 -20.34
C PRO A 131 9.13 -12.01 -21.81
N ALA A 132 10.04 -12.95 -22.03
CA ALA A 132 10.35 -13.46 -23.39
C ALA A 132 9.15 -14.05 -24.14
N ALA A 133 8.30 -14.79 -23.45
CA ALA A 133 7.02 -15.22 -24.02
C ALA A 133 6.31 -14.10 -24.79
N CYS A 134 6.31 -12.87 -24.25
CA CYS A 134 5.62 -11.74 -24.92
C CYS A 134 6.29 -11.23 -26.20
N ASP A 135 7.58 -11.47 -26.34
CA ASP A 135 8.23 -11.16 -27.62
C ASP A 135 7.62 -11.93 -28.76
N THR A 136 7.43 -13.23 -28.56
CA THR A 136 6.79 -14.06 -29.54
C THR A 136 5.41 -13.48 -29.87
N LEU A 137 4.64 -13.20 -28.82
CA LEU A 137 3.27 -12.70 -28.98
C LEU A 137 3.25 -11.38 -29.69
N PHE A 138 4.15 -10.46 -29.31
CA PHE A 138 4.22 -9.17 -30.02
C PHE A 138 4.66 -9.40 -31.46
N GLY A 139 5.53 -10.40 -31.68
CA GLY A 139 5.89 -10.90 -33.02
C GLY A 139 4.67 -11.21 -33.88
N LEU A 140 3.86 -12.14 -33.42
CA LEU A 140 2.64 -12.54 -34.13
C LEU A 140 1.74 -11.36 -34.40
N TRP A 141 1.55 -10.57 -33.34
CA TRP A 141 0.66 -9.42 -33.39
C TRP A 141 1.15 -8.44 -34.44
N GLN A 142 2.43 -8.09 -34.40
CA GLN A 142 3.06 -7.19 -35.40
C GLN A 142 2.90 -7.77 -36.78
N GLY A 143 3.23 -9.05 -36.87
CA GLY A 143 3.09 -9.85 -38.08
C GLY A 143 1.74 -9.71 -38.75
N GLU A 144 0.67 -9.60 -37.97
CA GLU A 144 -0.68 -9.48 -38.54
C GLU A 144 -1.18 -8.07 -38.73
N GLY A 145 -0.25 -7.10 -38.84
CA GLY A 145 -0.61 -5.70 -39.17
C GLY A 145 -1.09 -4.83 -38.00
N GLN A 146 -0.97 -5.34 -36.78
CA GLN A 146 -1.67 -4.72 -35.66
C GLN A 146 -0.81 -3.69 -34.94
N LEU A 147 0.50 -3.90 -34.84
CA LEU A 147 1.37 -2.94 -34.13
C LEU A 147 1.57 -1.65 -34.93
N THR A 148 0.51 -0.83 -34.98
CA THR A 148 0.55 0.47 -35.66
C THR A 148 1.46 1.49 -34.96
N GLU A 149 1.69 2.64 -35.60
CA GLU A 149 2.62 3.61 -35.02
C GLU A 149 2.07 4.33 -33.77
N GLU A 150 0.76 4.62 -33.75
CA GLU A 150 0.07 5.06 -32.54
C GLU A 150 0.33 4.18 -31.31
N LYS A 151 0.29 2.86 -31.47
CA LYS A 151 0.53 1.94 -30.37
C LYS A 151 1.98 1.92 -29.92
N VAL A 152 2.91 2.19 -30.84
CA VAL A 152 4.33 2.30 -30.47
C VAL A 152 4.55 3.58 -29.70
N TRP A 153 3.93 4.65 -30.20
CA TRP A 153 3.87 5.93 -29.48
C TRP A 153 3.32 5.78 -28.05
N LYS A 154 2.12 5.18 -27.91
CA LYS A 154 1.49 5.04 -26.61
C LYS A 154 2.42 4.30 -25.65
N ARG A 155 3.07 3.26 -26.13
CA ARG A 155 4.02 2.58 -25.25
C ARG A 155 5.29 3.39 -24.94
N LEU A 156 5.73 4.18 -25.90
CA LEU A 156 6.88 5.06 -25.62
C LEU A 156 6.54 5.96 -24.41
N LYS A 157 5.35 6.53 -24.48
CA LYS A 157 4.84 7.40 -23.45
C LYS A 157 4.81 6.69 -22.10
N LEU A 158 4.28 5.47 -22.05
CA LEU A 158 4.23 4.75 -20.77
C LEU A 158 5.62 4.45 -20.26
N ALA A 159 6.52 4.07 -21.15
CA ALA A 159 7.86 3.70 -20.77
C ALA A 159 8.58 4.90 -20.20
N ALA A 160 8.41 6.05 -20.86
CA ALA A 160 9.07 7.28 -20.41
C ALA A 160 8.47 7.74 -19.07
N GLU A 161 7.12 7.71 -18.96
CA GLU A 161 6.43 7.90 -17.64
C GLU A 161 6.98 7.01 -16.53
N ALA A 162 7.26 5.74 -16.81
CA ALA A 162 7.82 4.81 -15.83
C ALA A 162 9.32 4.94 -15.59
N ARG A 163 9.97 5.83 -16.33
CA ARG A 163 11.43 6.04 -16.22
C ARG A 163 12.26 4.88 -16.81
N ASN A 164 11.66 4.04 -17.66
CA ASN A 164 12.38 2.96 -18.33
CA ASN A 164 12.40 2.95 -18.35
C ASN A 164 12.90 3.50 -19.67
N TYR A 165 14.03 4.23 -19.63
CA TYR A 165 14.47 5.00 -20.81
C TYR A 165 15.14 4.17 -21.88
N SER A 166 15.83 3.11 -21.46
CA SER A 166 16.35 2.10 -22.40
C SER A 166 15.21 1.55 -23.28
N LEU A 167 14.15 1.00 -22.65
CA LEU A 167 12.92 0.62 -23.39
C LEU A 167 12.32 1.76 -24.19
N ALA A 168 12.23 2.95 -23.59
CA ALA A 168 11.70 4.13 -24.30
C ALA A 168 12.53 4.43 -25.55
N SER A 169 13.86 4.41 -25.40
CA SER A 169 14.76 4.63 -26.55
C SER A 169 14.55 3.62 -27.68
N HIS A 170 14.49 2.34 -27.33
CA HIS A 170 14.23 1.29 -28.35
C HIS A 170 12.91 1.49 -29.06
N LEU A 171 11.91 1.96 -28.33
CA LEU A 171 10.61 2.23 -28.92
C LEU A 171 10.59 3.50 -29.81
N ALA A 172 11.41 4.51 -29.49
CA ALA A 172 11.58 5.70 -30.38
C ALA A 172 12.25 5.31 -31.71
N GLN A 173 13.33 4.53 -31.60
CA GLN A 173 13.96 3.82 -32.70
C GLN A 173 13.06 2.85 -33.49
N ARG A 174 11.77 2.69 -33.17
CA ARG A 174 10.88 1.84 -33.95
C ARG A 174 9.70 2.60 -34.52
N LEU A 175 9.82 3.93 -34.61
CA LEU A 175 8.73 4.80 -35.11
C LEU A 175 9.04 5.16 -36.57
N PRO A 176 8.19 4.75 -37.53
CA PRO A 176 8.49 5.06 -38.92
C PRO A 176 8.58 6.57 -39.22
N THR A 177 7.68 7.35 -38.64
CA THR A 177 7.57 8.77 -38.96
C THR A 177 7.94 9.70 -37.80
N LEU A 178 7.65 9.31 -36.56
CA LEU A 178 7.78 10.21 -35.39
C LEU A 178 9.09 10.04 -34.60
N GLY A 179 10.11 9.38 -35.15
CA GLY A 179 11.37 9.18 -34.43
C GLY A 179 12.04 10.43 -33.88
N ASN A 180 11.81 11.60 -34.51
CA ASN A 180 12.29 12.89 -33.97
C ASN A 180 11.58 13.25 -32.68
N GLN A 181 10.24 13.32 -32.75
CA GLN A 181 9.45 13.62 -31.56
C GLN A 181 9.65 12.52 -30.47
N GLY A 182 9.77 11.26 -30.86
CA GLY A 182 10.08 10.20 -29.93
C GLY A 182 11.36 10.35 -29.15
N ALA A 183 12.44 10.79 -29.79
CA ALA A 183 13.72 11.03 -29.09
C ALA A 183 13.61 12.22 -28.15
N LEU A 184 12.78 13.17 -28.56
CA LEU A 184 12.48 14.37 -27.79
C LEU A 184 11.74 13.96 -26.52
N MET A 185 10.81 13.02 -26.64
CA MET A 185 10.07 12.59 -25.48
C MET A 185 11.00 11.94 -24.48
N VAL A 186 11.95 11.15 -24.96
CA VAL A 186 12.90 10.51 -24.05
C VAL A 186 13.79 11.54 -23.38
N SER A 187 14.17 12.56 -24.15
CA SER A 187 15.05 13.62 -23.65
C SER A 187 14.35 14.45 -22.56
N VAL A 188 13.13 14.90 -22.90
CA VAL A 188 12.29 15.70 -22.05
C VAL A 188 11.88 14.93 -20.80
N ALA A 189 11.57 13.64 -20.94
CA ALA A 189 11.28 12.83 -19.76
C ALA A 189 12.52 12.70 -18.87
N GLN A 190 13.69 12.60 -19.44
CA GLN A 190 14.91 12.62 -18.60
C GLN A 190 15.16 13.96 -17.94
N ASN A 191 14.95 15.07 -18.65
CA ASN A 191 15.19 16.41 -18.06
C ASN A 191 14.14 17.36 -18.61
N PRO A 192 12.99 17.44 -17.90
CA PRO A 192 11.87 18.18 -18.44
C PRO A 192 12.10 19.68 -18.40
N ALA A 193 13.15 20.11 -17.73
CA ALA A 193 13.47 21.53 -17.68
C ALA A 193 13.89 22.15 -19.01
N GLN A 194 14.20 21.33 -20.01
CA GLN A 194 14.54 21.84 -21.35
C GLN A 194 13.34 22.48 -22.00
N LEU A 195 12.14 22.24 -21.47
CA LEU A 195 10.92 22.85 -21.99
C LEU A 195 10.93 24.38 -21.87
N SER A 196 11.80 24.88 -21.00
CA SER A 196 12.03 26.31 -20.92
C SER A 196 12.55 26.90 -22.22
N GLN A 197 13.19 26.10 -23.08
CA GLN A 197 13.56 26.51 -24.44
C GLN A 197 12.36 26.44 -25.33
N THR A 198 11.44 27.39 -25.19
CA THR A 198 10.19 27.31 -25.94
C THR A 198 10.28 27.27 -27.47
N GLY A 199 11.31 27.87 -28.04
CA GLY A 199 11.56 27.73 -29.49
C GLY A 199 11.86 26.34 -30.06
N ARG A 200 12.53 25.49 -29.29
CA ARG A 200 12.65 24.07 -29.70
C ARG A 200 11.37 23.20 -29.65
N PHE A 201 10.29 23.67 -29.00
CA PHE A 201 9.05 22.88 -28.86
C PHE A 201 7.84 23.61 -29.45
N SER A 202 8.08 24.22 -30.61
CA SER A 202 7.14 25.09 -31.33
C SER A 202 6.28 24.38 -32.36
N GLN A 203 6.70 23.21 -32.85
CA GLN A 203 6.01 22.49 -33.93
C GLN A 203 4.56 22.11 -33.57
N ARG A 204 3.58 22.73 -34.24
CA ARG A 204 2.15 22.47 -33.97
C ARG A 204 1.61 21.08 -34.37
N ASP A 205 2.04 20.02 -33.71
CA ASP A 205 1.50 18.67 -33.98
C ASP A 205 1.18 17.91 -32.67
N HIS A 206 0.28 16.92 -32.71
CA HIS A 206 -0.10 16.25 -31.50
CA HIS A 206 -0.10 16.12 -31.52
C HIS A 206 1.13 15.57 -30.85
N ALA A 207 2.09 15.14 -31.65
CA ALA A 207 3.29 14.48 -31.12
C ALA A 207 4.08 15.38 -30.17
N THR A 208 4.33 16.61 -30.62
CA THR A 208 5.13 17.58 -29.86
C THR A 208 4.30 17.99 -28.64
N ALA A 209 3.05 18.35 -28.86
CA ALA A 209 2.08 18.51 -27.76
C ALA A 209 2.17 17.44 -26.68
N ASP A 210 2.27 16.17 -27.08
CA ASP A 210 2.30 15.07 -26.12
C ASP A 210 3.64 15.08 -25.40
N VAL A 211 4.72 15.32 -26.15
CA VAL A 211 6.04 15.48 -25.54
C VAL A 211 6.01 16.56 -24.46
N VAL A 212 5.43 17.71 -24.80
CA VAL A 212 5.46 18.85 -23.91
C VAL A 212 4.68 18.54 -22.62
N GLY A 213 3.49 17.96 -22.81
CA GLY A 213 2.64 17.53 -21.70
C GLY A 213 3.29 16.57 -20.71
N LEU A 214 3.92 15.54 -21.23
CA LEU A 214 4.67 14.65 -20.35
C LEU A 214 5.72 15.44 -19.55
N GLY A 215 6.42 16.33 -20.23
CA GLY A 215 7.45 17.09 -19.57
C GLY A 215 6.91 17.99 -18.47
N LEU A 216 5.79 18.67 -18.73
CA LEU A 216 5.20 19.55 -17.73
C LEU A 216 4.73 18.71 -16.58
N ARG A 217 4.07 17.59 -16.84
CA ARG A 217 3.60 16.77 -15.71
C ARG A 217 4.78 16.30 -14.86
N ARG A 218 5.89 16.01 -15.50
CA ARG A 218 7.08 15.60 -14.74
C ARG A 218 7.62 16.78 -13.93
N LEU A 219 7.71 17.92 -14.60
CA LEU A 219 8.31 19.11 -14.04
C LEU A 219 7.52 19.55 -12.79
N ALA A 220 6.22 19.28 -12.81
CA ALA A 220 5.29 19.67 -11.73
C ALA A 220 5.74 19.19 -10.33
N ARG A 221 6.21 17.96 -10.21
CA ARG A 221 6.71 17.45 -8.94
C ARG A 221 7.85 18.34 -8.39
N GLN A 222 8.86 18.65 -9.20
CA GLN A 222 10.07 19.38 -8.74
C GLN A 222 9.80 20.89 -8.58
N ASP A 223 9.26 21.49 -9.65
CA ASP A 223 9.10 22.94 -9.77
C ASP A 223 7.75 23.31 -10.41
N PRO A 224 6.69 23.21 -9.61
CA PRO A 224 5.37 23.49 -10.17
C PRO A 224 5.19 24.92 -10.70
N GLU A 225 5.90 25.87 -10.10
CA GLU A 225 5.77 27.25 -10.50
C GLU A 225 6.30 27.37 -11.94
N LYS A 226 7.49 26.78 -12.18
CA LYS A 226 8.04 26.72 -13.52
C LYS A 226 7.10 26.01 -14.50
N ALA A 227 6.55 24.88 -14.08
CA ALA A 227 5.58 24.14 -14.93
C ALA A 227 4.37 24.98 -15.31
N LEU A 228 3.91 25.77 -14.35
CA LEU A 228 2.74 26.61 -14.57
C LEU A 228 3.03 27.64 -15.61
N SER A 229 4.18 28.32 -15.50
CA SER A 229 4.59 29.33 -16.49
C SER A 229 4.65 28.76 -17.90
N LEU A 230 5.27 27.60 -18.03
CA LEU A 230 5.46 27.01 -19.36
C LEU A 230 4.13 26.54 -19.87
N LEU A 231 3.26 26.03 -18.98
CA LEU A 231 1.90 25.70 -19.41
C LEU A 231 1.26 26.96 -19.94
N ASP A 232 1.44 28.09 -19.23
CA ASP A 232 0.88 29.37 -19.72
C ASP A 232 1.37 29.74 -21.12
N TYR A 233 2.63 29.45 -21.44
CA TYR A 233 3.18 29.68 -22.77
C TYR A 233 2.62 28.67 -23.81
N TYR A 234 2.64 27.39 -23.47
CA TYR A 234 2.41 26.35 -24.45
C TYR A 234 0.95 26.13 -24.74
N SER A 235 0.05 26.49 -23.83
CA SER A 235 -1.37 26.14 -24.04
C SER A 235 -2.01 26.87 -25.23
N SER A 236 -1.47 28.03 -25.64
CA SER A 236 -1.96 28.71 -26.86
C SER A 236 -1.22 28.33 -28.15
N ALA A 237 -0.15 27.54 -28.00
CA ALA A 237 0.83 27.25 -29.04
C ALA A 237 0.75 25.83 -29.63
N LEU A 238 0.47 24.83 -28.81
CA LEU A 238 0.48 23.45 -29.27
C LEU A 238 -0.97 22.93 -29.23
N PRO A 239 -1.31 21.91 -30.05
CA PRO A 239 -2.67 21.41 -30.08
C PRO A 239 -2.92 20.25 -29.07
N PHE A 240 -2.89 20.59 -27.76
CA PHE A 240 -3.24 19.66 -26.69
C PHE A 240 -4.70 19.23 -26.83
N SER A 241 -4.96 17.92 -26.69
CA SER A 241 -6.32 17.44 -26.45
C SER A 241 -6.76 17.90 -25.05
N SER A 242 -8.06 18.08 -24.84
CA SER A 242 -8.56 18.51 -23.53
C SER A 242 -8.24 17.48 -22.43
N ASP A 243 -8.17 16.19 -22.77
CA ASP A 243 -7.67 15.16 -21.87
C ASP A 243 -6.25 15.45 -21.41
N GLU A 244 -5.37 15.77 -22.36
CA GLU A 244 -3.97 16.14 -22.05
C GLU A 244 -3.87 17.39 -21.15
N LYS A 245 -4.73 18.41 -21.35
CA LYS A 245 -4.70 19.64 -20.54
C LYS A 245 -5.10 19.33 -19.10
N VAL A 246 -6.21 18.63 -18.96
CA VAL A 246 -6.71 18.20 -17.68
C VAL A 246 -5.67 17.40 -16.94
N ALA A 247 -4.90 16.54 -17.63
CA ALA A 247 -3.89 15.71 -16.90
C ALA A 247 -2.70 16.56 -16.48
N ILE A 248 -2.36 17.56 -17.31
CA ILE A 248 -1.33 18.53 -16.96
C ILE A 248 -1.79 19.43 -15.79
N ALA A 249 -3.00 19.99 -15.89
CA ALA A 249 -3.49 20.86 -14.83
C ALA A 249 -3.58 20.14 -13.47
N ARG A 250 -3.90 18.86 -13.50
CA ARG A 250 -3.99 18.00 -12.30
C ARG A 250 -2.66 17.97 -11.58
N GLU A 251 -1.59 17.61 -12.29
CA GLU A 251 -0.27 17.47 -11.64
C GLU A 251 0.28 18.80 -11.18
N ILE A 252 0.04 19.84 -11.95
CA ILE A 252 0.53 21.15 -11.56
C ILE A 252 -0.27 21.66 -10.33
N GLY A 253 -1.60 21.54 -10.42
CA GLY A 253 -2.50 21.96 -9.35
C GLY A 253 -2.20 21.30 -8.02
N LEU A 254 -2.08 19.99 -8.03
CA LEU A 254 -1.80 19.24 -6.82
C LEU A 254 -0.43 19.58 -6.25
N SER A 255 0.53 19.80 -7.11
CA SER A 255 1.86 20.05 -6.64
C SER A 255 1.93 21.45 -6.10
N LEU A 256 1.28 22.42 -6.75
CA LEU A 256 1.09 23.74 -6.14
C LEU A 256 0.28 23.74 -4.81
N ALA A 257 -0.82 23.01 -4.75
CA ALA A 257 -1.61 22.99 -3.54
C ALA A 257 -0.82 22.34 -2.41
N LYS A 258 0.00 21.35 -2.72
CA LYS A 258 0.83 20.72 -1.65
C LYS A 258 1.86 21.65 -1.08
N ARG A 259 2.19 22.73 -1.77
CA ARG A 259 3.06 23.75 -1.18
C ARG A 259 2.32 25.05 -0.85
N PHE A 260 0.99 24.97 -0.85
CA PHE A 260 0.07 25.96 -0.27
C PHE A 260 0.06 27.25 -1.05
N ASP A 261 0.17 27.12 -2.37
CA ASP A 261 0.28 28.25 -3.31
C ASP A 261 -1.12 28.45 -3.85
N PRO A 262 -1.79 29.57 -3.54
CA PRO A 262 -3.19 29.76 -3.97
C PRO A 262 -3.40 29.86 -5.46
N ARG A 263 -2.31 29.85 -6.23
CA ARG A 263 -2.41 29.75 -7.68
C ARG A 263 -2.98 28.42 -8.14
N ALA A 264 -2.98 27.45 -7.24
CA ALA A 264 -3.61 26.19 -7.50
C ALA A 264 -5.11 26.32 -7.69
N LEU A 265 -5.76 27.21 -6.95
CA LEU A 265 -7.24 27.16 -6.87
C LEU A 265 -7.90 27.44 -8.18
N PRO A 266 -7.62 28.59 -8.82
CA PRO A 266 -8.16 28.84 -10.17
C PRO A 266 -7.84 27.71 -11.17
N LEU A 267 -6.62 27.22 -11.21
CA LEU A 267 -6.27 26.15 -12.11
C LEU A 267 -7.10 24.86 -11.88
N MET A 268 -7.23 24.46 -10.62
CA MET A 268 -8.04 23.31 -10.24
C MET A 268 -9.53 23.52 -10.54
N THR A 269 -10.07 24.73 -10.34
CA THR A 269 -11.50 24.94 -10.62
C THR A 269 -11.87 24.92 -12.12
N GLN A 270 -10.95 25.35 -13.01
CA GLN A 270 -11.22 25.29 -14.47
C GLN A 270 -11.17 23.87 -14.99
N TYR A 271 -10.19 23.10 -14.53
CA TYR A 271 -9.91 21.81 -15.16
C TYR A 271 -10.54 20.60 -14.48
N ASP A 272 -11.29 20.83 -13.42
CA ASP A 272 -12.11 19.78 -12.82
C ASP A 272 -13.29 20.41 -12.06
N PRO A 273 -14.12 21.20 -12.73
CA PRO A 273 -15.18 21.92 -12.02
C PRO A 273 -16.27 20.98 -11.50
N GLY A 274 -16.41 19.80 -12.10
CA GLY A 274 -17.40 18.82 -11.67
C GLY A 274 -17.04 17.94 -10.48
N LEU A 275 -15.79 18.05 -9.99
CA LEU A 275 -15.31 17.31 -8.81
C LEU A 275 -15.40 15.81 -9.07
N ARG A 276 -14.73 15.41 -10.14
CA ARG A 276 -14.67 14.03 -10.58
C ARG A 276 -13.42 13.33 -10.09
N ASP A 277 -12.33 14.08 -9.99
CA ASP A 277 -11.04 13.60 -9.48
C ASP A 277 -11.01 13.82 -7.95
N ASN A 278 -11.15 12.73 -7.21
CA ASN A 278 -11.23 12.81 -5.76
C ASN A 278 -9.96 13.41 -5.18
N THR A 279 -8.79 13.06 -5.73
CA THR A 279 -7.52 13.61 -5.19
C THR A 279 -7.39 15.14 -5.37
N VAL A 280 -7.87 15.65 -6.51
CA VAL A 280 -7.93 17.07 -6.77
C VAL A 280 -8.91 17.71 -5.82
N THR A 281 -10.08 17.09 -5.65
CA THR A 281 -11.12 17.70 -4.81
C THR A 281 -10.68 17.88 -3.32
N GLU A 282 -10.09 16.83 -2.78
CA GLU A 282 -9.64 16.82 -1.40
C GLU A 282 -8.57 17.91 -1.24
N TRP A 283 -7.75 18.13 -2.27
CA TRP A 283 -6.59 19.03 -2.18
C TRP A 283 -6.93 20.49 -2.41
N ARG A 284 -7.98 20.73 -3.15
CA ARG A 284 -8.60 22.05 -3.20
C ARG A 284 -9.19 22.47 -1.84
N THR A 285 -9.87 21.54 -1.16
CA THR A 285 -10.47 21.82 0.14
C THR A 285 -9.33 22.02 1.18
N ARG A 286 -8.41 21.08 1.21
CA ARG A 286 -7.18 21.24 1.98
C ARG A 286 -6.49 22.59 1.85
N LEU A 287 -6.39 23.08 0.61
CA LEU A 287 -5.73 24.37 0.37
C LEU A 287 -6.51 25.54 0.94
N LEU A 288 -7.82 25.53 0.73
CA LEU A 288 -8.68 26.57 1.29
C LEU A 288 -8.57 26.58 2.80
N LEU A 289 -8.53 25.38 3.40
CA LEU A 289 -8.31 25.27 4.84
C LEU A 289 -6.96 25.86 5.20
N ARG A 290 -5.89 25.49 4.50
CA ARG A 290 -4.58 26.04 4.89
C ARG A 290 -4.54 27.55 4.78
N LEU A 291 -5.31 28.14 3.86
CA LEU A 291 -5.29 29.60 3.66
C LEU A 291 -6.29 30.35 4.52
N GLY A 292 -7.06 29.66 5.35
CA GLY A 292 -8.03 30.29 6.23
C GLY A 292 -9.34 30.69 5.56
N ARG A 293 -9.59 30.21 4.35
CA ARG A 293 -10.81 30.57 3.61
C ARG A 293 -11.96 29.59 3.95
N TRP A 294 -12.58 29.82 5.09
CA TRP A 294 -13.52 28.84 5.65
C TRP A 294 -14.83 28.75 4.88
N ASP A 295 -15.32 29.90 4.41
CA ASP A 295 -16.57 29.99 3.63
C ASP A 295 -16.50 29.11 2.39
N GLU A 296 -15.43 29.32 1.60
CA GLU A 296 -15.20 28.53 0.38
C GLU A 296 -15.05 27.04 0.67
N ALA A 297 -14.35 26.71 1.76
CA ALA A 297 -14.19 25.33 2.18
C ALA A 297 -15.54 24.69 2.59
N TYR A 298 -16.31 25.40 3.37
CA TYR A 298 -17.65 24.89 3.75
C TYR A 298 -18.49 24.57 2.50
N ALA A 299 -18.63 25.60 1.65
CA ALA A 299 -19.24 25.49 0.31
C ALA A 299 -18.77 24.29 -0.46
N LEU A 300 -17.46 24.14 -0.57
CA LEU A 300 -16.93 23.00 -1.27
C LEU A 300 -17.39 21.68 -0.63
N THR A 301 -17.39 21.62 0.72
CA THR A 301 -17.71 20.35 1.40
C THR A 301 -19.14 19.95 1.12
N ARG A 302 -20.01 20.92 0.87
CA ARG A 302 -21.42 20.63 0.52
C ARG A 302 -21.66 20.04 -0.89
N LYS A 303 -20.70 20.21 -1.81
CA LYS A 303 -20.83 19.71 -3.18
C LYS A 303 -20.17 18.35 -3.38
N LEU A 304 -19.47 17.83 -2.38
CA LEU A 304 -18.65 16.66 -2.59
C LEU A 304 -19.45 15.49 -3.14
N PRO A 305 -18.85 14.71 -4.05
CA PRO A 305 -19.52 13.45 -4.40
C PRO A 305 -19.91 12.63 -3.15
N GLN A 306 -20.89 11.77 -3.31
CA GLN A 306 -21.41 10.95 -2.22
C GLN A 306 -20.34 10.01 -1.55
N ASP A 307 -19.36 9.48 -2.30
CA ASP A 307 -18.27 8.70 -1.67
C ASP A 307 -17.37 9.53 -0.71
N LEU A 308 -16.96 10.75 -1.10
CA LEU A 308 -16.20 11.63 -0.16
C LEU A 308 -17.11 12.19 0.96
N ALA A 309 -18.28 12.72 0.60
CA ALA A 309 -19.23 13.28 1.59
C ALA A 309 -19.59 12.37 2.75
N ALA A 310 -19.44 11.07 2.54
CA ALA A 310 -19.75 10.06 3.53
C ALA A 310 -18.59 9.70 4.47
N THR A 311 -17.37 10.10 4.13
CA THR A 311 -16.23 9.80 4.99
C THR A 311 -16.33 10.61 6.26
N SER A 312 -15.75 10.07 7.33
CA SER A 312 -15.71 10.79 8.57
C SER A 312 -14.85 12.07 8.39
N ARG A 313 -13.84 12.01 7.48
CA ARG A 313 -13.06 13.19 7.09
C ARG A 313 -13.89 14.39 6.65
N TRP A 314 -14.75 14.22 5.67
CA TRP A 314 -15.42 15.40 5.10
C TRP A 314 -16.66 15.79 5.87
N ARG A 315 -17.21 14.85 6.62
CA ARG A 315 -18.22 15.22 7.65
C ARG A 315 -17.60 16.11 8.77
N TYR A 316 -16.43 15.73 9.28
CA TYR A 316 -15.78 16.61 10.22
C TYR A 316 -15.50 17.98 9.62
N TRP A 317 -14.88 18.06 8.45
CA TRP A 317 -14.45 19.37 7.96
C TRP A 317 -15.60 20.25 7.51
N GLN A 318 -16.70 19.65 7.05
CA GLN A 318 -17.91 20.43 6.81
C GLN A 318 -18.31 21.15 8.08
N ALA A 319 -18.35 20.41 9.20
CA ALA A 319 -18.76 21.00 10.46
C ALA A 319 -17.79 22.03 10.94
N ARG A 320 -16.51 21.71 10.83
CA ARG A 320 -15.49 22.63 11.32
C ARG A 320 -15.33 23.88 10.49
N SER A 321 -15.29 23.74 9.17
CA SER A 321 -15.19 24.92 8.33
C SER A 321 -16.40 25.79 8.60
N LEU A 322 -17.59 25.20 8.73
CA LEU A 322 -18.77 25.99 9.14
C LEU A 322 -18.55 26.69 10.48
N GLN A 323 -18.20 25.95 11.51
CA GLN A 323 -17.97 26.59 12.81
C GLN A 323 -16.95 27.74 12.71
N LEU A 324 -15.89 27.54 11.89
CA LEU A 324 -14.85 28.58 11.72
C LEU A 324 -15.35 29.76 10.88
N ALA A 325 -16.16 29.47 9.87
CA ALA A 325 -16.84 30.49 9.05
C ALA A 325 -17.91 31.29 9.81
N GLN A 326 -18.76 30.61 10.59
CA GLN A 326 -19.84 31.25 11.37
C GLN A 326 -19.75 30.87 12.85
N PRO A 327 -18.84 31.49 13.61
CA PRO A 327 -18.60 30.95 14.95
C PRO A 327 -19.78 31.03 15.92
N ASN A 328 -20.81 31.79 15.58
CA ASN A 328 -21.99 31.92 16.45
C ASN A 328 -23.17 30.98 16.07
N SER A 329 -23.00 30.17 15.02
CA SER A 329 -24.03 29.28 14.52
C SER A 329 -24.16 27.99 15.33
N LYS A 330 -25.37 27.43 15.32
CA LYS A 330 -25.68 26.23 16.09
C LYS A 330 -25.70 24.97 15.24
N GLU A 331 -25.53 25.09 13.93
CA GLU A 331 -25.54 23.91 13.05
C GLU A 331 -24.30 22.97 13.21
N PRO A 332 -23.11 23.50 13.54
CA PRO A 332 -22.04 22.51 13.69
C PRO A 332 -22.27 21.59 14.88
N ILE A 333 -22.88 22.09 15.96
CA ILE A 333 -23.15 21.22 17.10
C ILE A 333 -23.85 19.90 16.63
N ALA A 334 -24.93 19.99 15.84
CA ALA A 334 -25.68 18.80 15.41
C ALA A 334 -24.93 17.91 14.43
N LEU A 335 -24.10 18.49 13.57
CA LEU A 335 -23.19 17.67 12.72
C LEU A 335 -22.11 16.96 13.56
N TYR A 336 -21.51 17.67 14.52
CA TYR A 336 -20.54 17.04 15.38
C TYR A 336 -21.11 15.87 16.16
N GLN A 337 -22.36 16.00 16.61
CA GLN A 337 -23.00 14.97 17.41
C GLN A 337 -23.18 13.69 16.63
N LYS A 338 -23.45 13.79 15.33
CA LYS A 338 -23.58 12.58 14.50
C LYS A 338 -22.25 11.83 14.39
N LEU A 339 -21.18 12.59 14.51
CA LEU A 339 -19.85 12.12 14.19
C LEU A 339 -19.08 11.67 15.42
N ALA A 340 -19.27 12.37 16.55
CA ALA A 340 -18.69 11.90 17.81
C ALA A 340 -19.46 10.65 18.05
N GLY A 341 -18.91 9.71 18.78
CA GLY A 341 -19.62 8.41 18.80
C GLY A 341 -19.19 7.41 17.75
N GLU A 342 -18.37 7.82 16.78
CA GLU A 342 -17.57 6.90 15.97
C GLU A 342 -16.16 6.79 16.53
N ARG A 343 -15.59 5.61 16.37
CA ARG A 343 -14.26 5.29 16.87
CA ARG A 343 -14.27 5.29 16.87
C ARG A 343 -13.26 5.42 15.73
N ASP A 344 -13.01 6.66 15.30
CA ASP A 344 -11.91 6.99 14.36
C ASP A 344 -11.41 8.41 14.60
N PHE A 345 -10.26 8.75 14.02
CA PHE A 345 -9.64 10.05 14.21
C PHE A 345 -10.58 11.22 14.17
N TYR A 346 -11.46 11.26 13.19
CA TYR A 346 -12.34 12.41 13.01
C TYR A 346 -13.54 12.32 13.96
N GLY A 347 -13.96 11.10 14.28
CA GLY A 347 -14.94 10.92 15.37
C GLY A 347 -14.45 11.51 16.70
N PHE A 348 -13.20 11.21 17.04
CA PHE A 348 -12.61 11.73 18.24
C PHE A 348 -12.43 13.23 18.18
N LEU A 349 -12.07 13.76 17.00
CA LEU A 349 -11.98 15.20 16.83
C LEU A 349 -13.33 15.86 17.06
N ALA A 350 -14.37 15.26 16.47
CA ALA A 350 -15.74 15.74 16.70
C ALA A 350 -16.10 15.67 18.23
N ALA A 351 -15.77 14.55 18.87
CA ALA A 351 -16.01 14.39 20.31
C ALA A 351 -15.34 15.51 21.02
N ASP A 352 -14.10 15.75 20.65
CA ASP A 352 -13.29 16.79 21.24
C ASP A 352 -13.91 18.17 21.08
N ARG A 353 -14.51 18.45 19.93
CA ARG A 353 -15.09 19.77 19.72
C ARG A 353 -16.39 19.98 20.47
N LEU A 354 -17.08 18.90 20.81
CA LEU A 354 -18.21 19.00 21.73
C LEU A 354 -17.77 18.85 23.21
N SER A 355 -16.51 18.52 23.46
CA SER A 355 -15.98 18.09 24.77
C SER A 355 -16.89 17.11 25.47
N VAL A 356 -17.09 15.99 24.82
CA VAL A 356 -17.74 14.86 25.38
C VAL A 356 -16.75 13.72 25.29
N PRO A 357 -16.91 12.67 26.11
CA PRO A 357 -16.06 11.49 26.02
C PRO A 357 -16.02 10.84 24.65
N TYR A 358 -14.90 10.17 24.35
CA TYR A 358 -14.73 9.43 23.08
C TYR A 358 -15.57 8.18 23.23
N LYS A 359 -16.19 7.71 22.15
CA LYS A 359 -16.88 6.43 22.18
C LYS A 359 -15.95 5.35 21.68
N LEU A 360 -15.55 4.44 22.55
CA LEU A 360 -14.78 3.24 22.12
C LEU A 360 -15.66 2.12 21.53
N GLY A 361 -16.63 1.66 22.29
CA GLY A 361 -17.54 0.58 21.84
C GLY A 361 -16.87 -0.76 21.51
N ASN A 362 -16.16 -1.31 22.49
CA ASN A 362 -15.53 -2.61 22.34
C ASN A 362 -16.62 -3.69 22.44
N ARG A 363 -16.92 -4.35 21.33
CA ARG A 363 -17.73 -5.58 21.35
C ARG A 363 -17.02 -6.70 20.60
N PRO A 364 -16.41 -7.67 21.34
CA PRO A 364 -15.99 -8.92 20.69
C PRO A 364 -17.09 -9.53 19.84
N ALA A 365 -16.72 -10.13 18.73
CA ALA A 365 -17.74 -10.61 17.81
C ALA A 365 -18.46 -11.86 18.38
N HIS A 366 -19.46 -12.25 17.64
CA HIS A 366 -20.56 -13.12 18.05
C HIS A 366 -20.45 -14.33 17.10
N ILE A 367 -19.46 -15.19 17.33
CA ILE A 367 -19.22 -16.34 16.41
C ILE A 367 -19.64 -17.68 17.04
N ASP A 368 -20.62 -18.34 16.44
CA ASP A 368 -21.08 -19.67 16.90
C ASP A 368 -19.95 -20.70 16.85
N PRO A 369 -19.88 -21.65 17.82
CA PRO A 369 -18.79 -22.65 17.75
C PRO A 369 -18.86 -23.56 16.50
N ARG A 370 -20.03 -23.59 15.85
CA ARG A 370 -20.22 -24.15 14.49
C ARG A 370 -19.20 -23.60 13.47
N VAL A 371 -19.19 -22.26 13.31
CA VAL A 371 -18.28 -21.59 12.36
C VAL A 371 -16.82 -21.68 12.81
N LEU A 372 -16.59 -21.57 14.12
CA LEU A 372 -15.27 -21.81 14.66
C LEU A 372 -14.74 -23.21 14.31
N GLN A 373 -15.60 -24.25 14.32
CA GLN A 373 -15.16 -25.63 13.93
C GLN A 373 -14.56 -25.70 12.53
N ARG A 374 -15.35 -25.30 11.52
CA ARG A 374 -14.90 -25.21 10.11
C ARG A 374 -13.46 -24.72 9.98
N VAL A 375 -13.13 -23.59 10.63
CA VAL A 375 -11.80 -22.98 10.48
C VAL A 375 -10.71 -23.72 11.30
N ARG A 376 -10.99 -24.18 12.53
CA ARG A 376 -9.99 -24.96 13.24
C ARG A 376 -9.77 -26.33 12.61
N ASN A 377 -10.84 -26.87 12.02
CA ASN A 377 -10.80 -28.15 11.27
C ASN A 377 -10.10 -28.03 9.93
N ALA A 378 -10.29 -26.92 9.18
CA ALA A 378 -9.71 -26.74 7.83
C ALA A 378 -8.32 -27.32 7.72
N ALA A 379 -8.04 -27.93 6.59
CA ALA A 379 -6.72 -28.52 6.35
C ALA A 379 -5.62 -27.44 6.46
N SER A 380 -5.84 -26.30 5.79
CA SER A 380 -4.94 -25.14 5.86
C SER A 380 -4.61 -24.72 7.31
N THR A 381 -5.59 -24.70 8.21
CA THR A 381 -5.32 -24.38 9.63
C THR A 381 -4.44 -25.43 10.31
N ARG A 382 -4.84 -26.70 10.16
CA ARG A 382 -4.11 -27.88 10.69
C ARG A 382 -2.62 -27.84 10.28
N ARG A 383 -2.38 -27.47 9.02
CA ARG A 383 -1.02 -27.36 8.50
C ARG A 383 -0.29 -26.23 9.18
N ALA A 384 -0.95 -25.08 9.26
CA ALA A 384 -0.37 -23.90 9.90
C ALA A 384 -0.07 -24.20 11.39
N MET A 385 -1.01 -24.85 12.06
CA MET A 385 -0.82 -25.23 13.45
C MET A 385 0.38 -26.14 13.62
N GLU A 386 0.47 -27.18 12.78
CA GLU A 386 1.57 -28.12 12.89
C GLU A 386 2.89 -27.47 12.50
N PHE A 387 2.85 -26.54 11.54
CA PHE A 387 4.05 -25.77 11.18
C PHE A 387 4.55 -24.90 12.34
N PHE A 388 3.61 -24.26 13.03
CA PHE A 388 3.89 -23.37 14.16
C PHE A 388 4.49 -24.12 15.34
N ASN A 389 3.96 -25.30 15.62
CA ASN A 389 4.48 -26.20 16.67
C ASN A 389 5.92 -26.70 16.46
N ARG A 390 6.55 -26.40 15.30
CA ARG A 390 7.91 -26.86 14.98
C ARG A 390 8.92 -25.72 14.76
N GLY A 391 8.49 -24.48 14.97
CA GLY A 391 9.34 -23.33 14.65
C GLY A 391 9.15 -22.72 13.27
N GLU A 392 8.56 -23.47 12.32
CA GLU A 392 8.45 -23.02 10.91
C GLU A 392 7.36 -21.93 10.79
N VAL A 393 7.75 -20.72 11.18
CA VAL A 393 6.80 -19.62 11.37
C VAL A 393 6.45 -18.95 10.06
N ILE A 394 7.41 -18.92 9.13
CA ILE A 394 7.21 -18.37 7.79
C ILE A 394 6.17 -19.23 7.06
N ASN A 395 6.31 -20.55 7.18
CA ASN A 395 5.37 -21.47 6.57
C ASN A 395 3.99 -21.34 7.18
N ALA A 396 3.93 -21.39 8.52
CA ALA A 396 2.69 -21.18 9.28
C ALA A 396 1.94 -19.93 8.81
N ARG A 397 2.71 -18.86 8.69
CA ARG A 397 2.17 -17.58 8.32
C ARG A 397 1.68 -17.66 6.88
N ARG A 398 2.50 -18.25 6.01
CA ARG A 398 2.15 -18.42 4.58
C ARG A 398 0.85 -19.22 4.44
N GLU A 399 0.65 -20.23 5.29
CA GLU A 399 -0.60 -21.00 5.31
C GLU A 399 -1.78 -20.15 5.71
N TRP A 400 -1.63 -19.54 6.89
CA TRP A 400 -2.64 -18.67 7.47
C TRP A 400 -3.15 -17.60 6.48
N TYR A 401 -2.23 -16.91 5.81
CA TYR A 401 -2.62 -15.84 4.85
C TYR A 401 -3.21 -16.38 3.53
N HIS A 402 -2.77 -17.57 3.09
CA HIS A 402 -3.33 -18.19 1.87
C HIS A 402 -4.75 -18.70 2.13
N ALA A 403 -4.98 -19.35 3.28
CA ALA A 403 -6.33 -19.74 3.69
C ALA A 403 -7.35 -18.57 3.58
N ALA A 404 -6.97 -17.43 4.14
CA ALA A 404 -7.81 -16.24 4.23
C ALA A 404 -8.28 -15.64 2.90
N ARG A 405 -7.56 -15.96 1.82
CA ARG A 405 -7.88 -15.40 0.48
C ARG A 405 -9.29 -15.88 0.01
N LEU A 406 -9.70 -17.09 0.46
CA LEU A 406 -11.02 -17.65 0.16
C LEU A 406 -12.07 -17.52 1.28
N PHE A 407 -11.64 -17.42 2.55
CA PHE A 407 -12.56 -17.38 3.72
C PHE A 407 -13.59 -16.21 3.59
N ASP A 408 -14.88 -16.48 3.92
CA ASP A 408 -15.95 -15.42 3.97
C ASP A 408 -15.74 -14.40 5.14
N ARG A 409 -16.74 -13.58 5.45
CA ARG A 409 -16.66 -12.68 6.64
C ARG A 409 -16.66 -13.39 8.04
N ASP A 410 -17.61 -14.28 8.32
CA ASP A 410 -17.66 -15.00 9.62
C ASP A 410 -16.42 -15.84 9.97
N GLU A 411 -15.76 -16.39 8.95
CA GLU A 411 -14.68 -17.35 9.14
C GLU A 411 -13.39 -16.60 9.44
N LEU A 412 -13.16 -15.58 8.62
CA LEU A 412 -12.13 -14.60 8.85
C LEU A 412 -12.07 -14.14 10.30
N ILE A 413 -13.25 -13.93 10.90
CA ILE A 413 -13.35 -13.51 12.29
C ILE A 413 -12.92 -14.62 13.23
N ALA A 414 -13.37 -15.84 12.92
CA ALA A 414 -13.08 -17.02 13.72
C ALA A 414 -11.59 -17.34 13.66
N GLN A 415 -11.08 -17.32 12.42
CA GLN A 415 -9.64 -17.24 12.11
C GLN A 415 -8.88 -16.27 13.03
N ALA A 416 -9.35 -15.01 13.05
CA ALA A 416 -8.77 -13.93 13.89
C ALA A 416 -8.71 -14.31 15.34
N ARG A 417 -9.82 -14.83 15.84
CA ARG A 417 -9.93 -15.25 17.23
C ARG A 417 -8.92 -16.34 17.56
N LEU A 418 -8.86 -17.37 16.71
CA LEU A 418 -7.88 -18.46 16.86
C LEU A 418 -6.43 -17.96 16.91
N ALA A 419 -6.08 -17.04 15.99
CA ALA A 419 -4.73 -16.45 15.97
C ALA A 419 -4.47 -15.65 17.26
N TYR A 420 -5.45 -14.85 17.66
CA TYR A 420 -5.32 -14.05 18.89
C TYR A 420 -4.87 -14.95 20.03
N ASP A 421 -5.62 -16.04 20.23
CA ASP A 421 -5.40 -16.93 21.35
C ASP A 421 -4.02 -17.60 21.34
N MET A 422 -3.22 -17.44 20.27
CA MET A 422 -1.83 -17.94 20.23
C MET A 422 -0.70 -16.87 20.35
N GLN A 423 -1.03 -15.63 20.73
CA GLN A 423 -0.06 -14.49 20.76
C GLN A 423 0.43 -14.11 19.36
N TRP A 424 -0.40 -14.40 18.36
CA TRP A 424 -0.11 -14.20 16.96
C TRP A 424 -0.90 -12.93 16.58
N TYR A 425 -0.39 -11.84 17.15
CA TYR A 425 -1.10 -10.59 17.22
C TYR A 425 -1.24 -10.03 15.87
N PHE A 426 -0.16 -10.09 15.09
CA PHE A 426 -0.22 -9.56 13.74
C PHE A 426 -1.21 -10.31 12.80
N PRO A 427 -1.12 -11.64 12.69
CA PRO A 427 -2.11 -12.41 11.90
C PRO A 427 -3.57 -12.19 12.31
N ALA A 428 -3.81 -12.15 13.61
CA ALA A 428 -5.15 -11.84 14.15
C ALA A 428 -5.67 -10.47 13.74
N ILE A 429 -4.78 -9.47 13.72
CA ILE A 429 -5.13 -8.14 13.19
C ILE A 429 -5.44 -8.19 11.70
N ARG A 430 -4.56 -8.84 10.93
CA ARG A 430 -4.74 -9.03 9.49
C ARG A 430 -6.09 -9.71 9.20
N SER A 431 -6.33 -10.86 9.82
CA SER A 431 -7.62 -11.57 9.69
C SER A 431 -8.81 -10.60 9.95
N ILE A 432 -8.89 -10.03 11.17
CA ILE A 432 -10.08 -9.22 11.60
C ILE A 432 -10.27 -7.96 10.76
N SER A 433 -9.15 -7.37 10.35
CA SER A 433 -9.23 -6.22 9.50
C SER A 433 -9.77 -6.63 8.14
N GLN A 434 -9.39 -7.81 7.68
CA GLN A 434 -9.90 -8.31 6.40
C GLN A 434 -11.40 -8.64 6.47
N ALA A 435 -11.84 -9.12 7.63
CA ALA A 435 -13.26 -9.30 7.90
C ALA A 435 -13.99 -7.99 8.02
N GLN A 436 -13.23 -6.90 8.12
CA GLN A 436 -13.75 -5.58 8.40
C GLN A 436 -14.62 -5.56 9.67
N TYR A 437 -14.18 -6.27 10.70
CA TYR A 437 -14.78 -6.25 12.01
C TYR A 437 -13.93 -5.37 12.92
N TRP A 438 -14.32 -4.12 12.98
CA TRP A 438 -13.53 -3.08 13.61
C TRP A 438 -13.77 -2.96 15.08
N ASP A 439 -14.92 -3.43 15.55
CA ASP A 439 -15.29 -3.25 16.95
C ASP A 439 -14.65 -4.20 17.94
N ASP A 440 -13.84 -5.18 17.52
CA ASP A 440 -13.16 -6.08 18.48
C ASP A 440 -11.81 -5.50 18.94
N LEU A 441 -11.86 -4.58 19.88
CA LEU A 441 -10.66 -3.87 20.27
C LEU A 441 -9.71 -4.71 21.07
N ASP A 442 -10.20 -5.79 21.67
CA ASP A 442 -9.26 -6.73 22.34
C ASP A 442 -8.22 -7.29 21.37
N ILE A 443 -8.69 -7.69 20.18
CA ILE A 443 -7.86 -8.25 19.14
C ILE A 443 -7.07 -7.19 18.36
N ARG A 444 -7.69 -6.05 18.07
CA ARG A 444 -7.04 -5.04 17.23
C ARG A 444 -6.03 -4.16 17.94
N PHE A 445 -6.07 -4.12 19.26
CA PHE A 445 -5.17 -3.28 20.02
C PHE A 445 -4.64 -4.11 21.14
N PRO A 446 -3.74 -5.01 20.80
CA PRO A 446 -3.21 -5.87 21.82
C PRO A 446 -2.16 -5.19 22.66
N MET A 447 -1.94 -5.78 23.82
CA MET A 447 -1.11 -5.27 24.88
C MET A 447 0.18 -6.12 25.04
N ALA A 448 0.77 -6.62 23.96
CA ALA A 448 2.01 -7.36 24.12
C ALA A 448 3.07 -6.48 24.77
N HIS A 449 3.95 -7.09 25.54
CA HIS A 449 5.16 -6.45 26.05
C HIS A 449 4.86 -5.32 27.00
N ARG A 450 3.70 -5.42 27.63
CA ARG A 450 3.13 -4.37 28.49
C ARG A 450 4.05 -3.84 29.57
N ALA A 451 4.72 -4.73 30.30
CA ALA A 451 5.63 -4.32 31.37
C ALA A 451 6.83 -3.52 30.83
N THR A 452 7.35 -3.93 29.67
CA THR A 452 8.56 -3.30 29.11
C THR A 452 8.26 -1.93 28.47
N LEU A 453 7.20 -1.87 27.65
CA LEU A 453 6.72 -0.62 27.06
C LEU A 453 6.37 0.40 28.14
N VAL A 454 5.74 -0.02 29.25
CA VAL A 454 5.37 0.98 30.29
C VAL A 454 6.60 1.45 31.11
N ARG A 455 7.50 0.53 31.43
CA ARG A 455 8.77 0.88 32.08
C ARG A 455 9.53 1.89 31.20
N GLU A 456 9.77 1.51 29.95
CA GLU A 456 10.50 2.42 29.04
C GLU A 456 9.76 3.74 28.77
N ALA A 457 8.44 3.71 28.79
CA ALA A 457 7.69 4.97 28.71
C ALA A 457 8.03 5.84 29.91
N LYS A 458 7.91 5.31 31.13
CA LYS A 458 8.09 6.18 32.32
C LYS A 458 9.54 6.70 32.48
N ASN A 459 10.55 5.90 32.15
CA ASN A 459 11.95 6.38 32.22
C ASN A 459 12.26 7.60 31.33
N ARG A 460 11.67 7.61 30.13
CA ARG A 460 11.85 8.72 29.16
C ARG A 460 10.81 9.83 29.32
N GLY A 461 9.96 9.71 30.35
CA GLY A 461 8.87 10.68 30.57
C GLY A 461 7.92 10.82 29.38
N LEU A 462 7.49 9.68 28.87
CA LEU A 462 6.53 9.64 27.77
C LEU A 462 5.28 8.99 28.30
N HIS A 463 4.12 9.43 27.79
CA HIS A 463 2.86 8.72 28.00
C HIS A 463 3.01 7.30 27.40
N SER A 464 2.71 6.28 28.19
CA SER A 464 2.80 4.90 27.69
C SER A 464 1.86 4.63 26.49
N SER A 465 0.70 5.30 26.44
CA SER A 465 -0.24 5.09 25.33
C SER A 465 0.38 5.46 24.01
N TRP A 466 1.29 6.42 24.02
CA TRP A 466 1.94 6.87 22.83
C TRP A 466 2.91 5.82 22.35
N ILE A 467 3.67 5.22 23.25
CA ILE A 467 4.63 4.18 22.83
C ILE A 467 3.94 2.91 22.30
N PHE A 468 2.82 2.51 22.88
CA PHE A 468 1.97 1.46 22.28
C PHE A 468 1.53 1.85 20.88
N ALA A 469 1.02 3.05 20.74
CA ALA A 469 0.45 3.51 19.47
C ALA A 469 1.45 3.50 18.32
N ILE A 470 2.66 3.97 18.58
CA ILE A 470 3.77 4.00 17.60
C ILE A 470 4.13 2.58 17.20
N THR A 471 4.32 1.77 18.22
CA THR A 471 4.53 0.35 18.06
C THR A 471 3.46 -0.32 17.19
N ARG A 472 2.20 -0.12 17.57
CA ARG A 472 1.02 -0.71 16.88
C ARG A 472 0.96 -0.35 15.40
N GLN A 473 1.26 0.90 15.09
CA GLN A 473 1.28 1.40 13.72
C GLN A 473 2.50 0.91 12.95
N GLU A 474 3.62 0.77 13.65
CA GLU A 474 4.89 0.44 13.00
C GLU A 474 5.02 -1.03 12.63
N SER A 475 4.62 -1.93 13.54
CA SER A 475 4.76 -3.39 13.33
C SER A 475 3.58 -4.28 13.71
N ALA A 476 2.50 -3.69 14.26
CA ALA A 476 1.36 -4.42 14.78
C ALA A 476 1.75 -5.58 15.70
N PHE A 477 2.86 -5.38 16.41
CA PHE A 477 3.44 -6.31 17.37
C PHE A 477 4.09 -7.60 16.80
N MET A 478 4.10 -7.79 15.48
CA MET A 478 5.03 -8.75 14.86
C MET A 478 6.46 -8.36 15.30
N SER A 479 6.94 -9.04 16.35
CA SER A 479 8.22 -8.68 17.02
C SER A 479 9.53 -8.88 16.18
N ASP A 480 9.47 -9.75 15.18
CA ASP A 480 10.59 -10.01 14.27
C ASP A 480 10.43 -9.31 12.90
N ALA A 481 9.61 -8.25 12.83
CA ALA A 481 9.28 -7.60 11.58
C ALA A 481 10.48 -6.86 10.95
N ARG A 482 10.61 -6.93 9.63
CA ARG A 482 11.65 -6.25 8.87
C ARG A 482 11.04 -5.64 7.60
N SER A 483 11.25 -4.33 7.38
CA SER A 483 10.49 -3.57 6.37
C SER A 483 11.07 -3.69 4.95
N GLY A 484 10.39 -3.03 4.00
CA GLY A 484 10.87 -2.86 2.62
C GLY A 484 12.15 -2.01 2.45
N VAL A 485 12.61 -1.39 3.54
CA VAL A 485 13.84 -0.59 3.58
C VAL A 485 14.85 -1.07 4.68
N GLY A 486 14.50 -2.07 5.51
CA GLY A 486 15.43 -2.59 6.54
C GLY A 486 15.19 -2.21 8.01
N ALA A 487 14.19 -1.37 8.27
CA ALA A 487 13.79 -1.04 9.66
C ALA A 487 13.37 -2.35 10.38
N THR A 488 13.88 -2.55 11.59
CA THR A 488 13.79 -3.82 12.32
C THR A 488 13.00 -3.65 13.62
N GLY A 489 12.16 -4.63 13.93
CA GLY A 489 11.57 -4.76 15.24
C GLY A 489 10.19 -4.13 15.43
N LEU A 490 9.82 -4.08 16.71
CA LEU A 490 8.54 -3.54 17.19
C LEU A 490 8.33 -2.05 16.87
N MET A 491 9.39 -1.25 16.99
CA MET A 491 9.38 0.17 16.74
C MET A 491 10.10 0.53 15.42
N GLN A 492 10.46 -0.49 14.64
CA GLN A 492 10.99 -0.29 13.28
CA GLN A 492 11.02 -0.33 13.28
C GLN A 492 12.17 0.68 13.20
N LEU A 493 13.20 0.43 13.99
CA LEU A 493 14.39 1.27 13.99
C LEU A 493 15.26 0.90 12.80
N MET A 494 15.73 1.90 12.07
CA MET A 494 16.84 1.73 11.10
C MET A 494 18.18 1.49 11.83
N PRO A 495 19.19 0.94 11.13
CA PRO A 495 20.39 0.56 11.88
C PRO A 495 21.28 1.76 12.30
N GLY A 496 21.30 2.82 11.51
CA GLY A 496 21.98 4.07 11.87
C GLY A 496 21.29 4.80 13.02
N THR A 497 19.95 4.89 12.94
CA THR A 497 19.15 5.47 14.02
C THR A 497 19.44 4.77 15.36
N ALA A 498 19.48 3.44 15.36
CA ALA A 498 19.70 2.70 16.59
C ALA A 498 21.09 2.94 17.19
N LYS A 499 22.13 2.97 16.38
CA LYS A 499 23.47 3.17 16.93
C LYS A 499 23.68 4.65 17.38
N GLU A 500 23.01 5.59 16.72
CA GLU A 500 23.10 7.00 17.10
C GLU A 500 22.35 7.36 18.40
N THR A 501 21.32 6.59 18.78
CA THR A 501 20.63 6.82 20.05
C THR A 501 21.31 6.05 21.18
N SER A 502 21.80 4.87 20.88
CA SER A 502 22.65 4.12 21.79
C SER A 502 23.80 4.96 22.35
N ARG A 503 24.45 5.69 21.44
CA ARG A 503 25.56 6.61 21.74
C ARG A 503 25.08 7.75 22.62
N LYS A 504 24.06 8.47 22.13
CA LYS A 504 23.48 9.62 22.83
C LYS A 504 23.06 9.30 24.27
N PHE A 505 22.43 8.14 24.48
CA PHE A 505 21.79 7.81 25.76
C PHE A 505 22.66 6.88 26.60
N GLY A 506 23.79 6.43 26.03
CA GLY A 506 24.64 5.45 26.71
C GLY A 506 23.93 4.14 26.98
N ILE A 507 23.02 3.79 26.07
CA ILE A 507 22.34 2.51 26.06
C ILE A 507 23.29 1.63 25.25
N PRO A 508 23.41 0.32 25.59
CA PRO A 508 24.34 -0.57 24.88
C PRO A 508 24.00 -0.78 23.41
N LEU A 509 25.04 -0.76 22.57
CA LEU A 509 24.89 -0.97 21.13
C LEU A 509 24.15 -2.30 20.89
N ALA A 510 23.30 -2.32 19.88
CA ALA A 510 22.65 -3.55 19.39
C ALA A 510 23.37 -4.10 18.14
N SER A 511 23.67 -5.41 18.09
CA SER A 511 24.02 -6.05 16.81
C SER A 511 22.87 -5.72 15.87
N THR A 512 23.18 -5.28 14.64
CA THR A 512 22.19 -4.60 13.78
C THR A 512 20.84 -5.33 13.59
N GLN A 513 20.77 -6.64 13.90
CA GLN A 513 19.47 -7.29 14.21
C GLN A 513 19.49 -8.15 15.51
N GLN A 514 20.00 -7.56 16.59
CA GLN A 514 19.58 -7.85 18.00
C GLN A 514 18.40 -6.91 18.42
N LEU A 515 18.08 -5.99 17.52
CA LEU A 515 16.83 -5.23 17.53
C LEU A 515 15.55 -6.12 17.53
N ILE A 516 15.69 -7.40 17.16
CA ILE A 516 14.58 -8.36 17.11
C ILE A 516 14.06 -8.67 18.52
N VAL A 517 14.93 -8.52 19.52
CA VAL A 517 14.54 -8.76 20.91
C VAL A 517 13.67 -7.58 21.40
N PRO A 518 12.41 -7.86 21.80
CA PRO A 518 11.52 -6.80 22.29
C PRO A 518 12.15 -5.82 23.26
N ASP A 519 12.74 -6.35 24.33
CA ASP A 519 13.25 -5.52 25.44
C ASP A 519 14.42 -4.63 25.00
N VAL A 520 15.11 -4.98 23.93
CA VAL A 520 16.20 -4.13 23.41
C VAL A 520 15.67 -3.05 22.43
N ASN A 521 14.70 -3.45 21.62
CA ASN A 521 14.12 -2.60 20.61
C ASN A 521 13.30 -1.46 21.27
N ILE A 522 12.42 -1.83 22.21
CA ILE A 522 11.61 -0.89 22.95
C ILE A 522 12.45 0.15 23.71
N ARG A 523 13.54 -0.28 24.33
CA ARG A 523 14.48 0.63 25.00
C ARG A 523 15.10 1.69 24.08
N LEU A 524 15.55 1.28 22.89
CA LEU A 524 16.12 2.22 21.92
C LEU A 524 15.05 3.09 21.25
N GLY A 525 13.93 2.49 20.84
CA GLY A 525 12.83 3.21 20.20
C GLY A 525 12.22 4.24 21.13
N ALA A 526 12.02 3.89 22.40
CA ALA A 526 11.51 4.82 23.40
C ALA A 526 12.49 5.97 23.54
N ALA A 527 13.78 5.66 23.65
CA ALA A 527 14.77 6.72 23.80
C ALA A 527 14.72 7.64 22.59
N TYR A 528 14.71 7.04 21.41
CA TYR A 528 14.68 7.80 20.18
C TYR A 528 13.37 8.59 20.01
N LEU A 529 12.26 7.95 20.32
CA LEU A 529 10.99 8.67 20.34
C LEU A 529 11.06 9.90 21.28
N SER A 530 11.64 9.74 22.48
CA SER A 530 11.82 10.90 23.37
C SER A 530 12.74 11.95 22.76
N GLN A 531 13.69 11.54 21.91
CA GLN A 531 14.59 12.48 21.28
C GLN A 531 13.81 13.39 20.31
N VAL A 532 13.03 12.80 19.37
CA VAL A 532 12.12 13.60 18.51
C VAL A 532 10.98 14.32 19.28
N HIS A 533 10.49 13.70 20.36
CA HIS A 533 9.50 14.35 21.23
C HIS A 533 10.05 15.66 21.73
N SER A 534 11.22 15.65 22.33
CA SER A 534 11.78 16.90 22.90
C SER A 534 12.27 17.86 21.80
N GLN A 535 12.68 17.34 20.66
CA GLN A 535 13.07 18.18 19.54
C GLN A 535 11.92 19.05 18.94
N PHE A 536 10.66 18.65 19.14
CA PHE A 536 9.50 19.48 18.74
C PHE A 536 8.66 19.96 19.93
N ASN A 537 9.33 20.22 21.06
CA ASN A 537 8.74 20.87 22.24
C ASN A 537 7.64 20.06 22.87
N GLY A 538 7.87 18.76 22.93
CA GLY A 538 6.90 17.81 23.47
C GLY A 538 5.60 17.62 22.67
N ASN A 539 5.57 18.05 21.39
CA ASN A 539 4.38 17.90 20.55
C ASN A 539 4.33 16.52 19.84
N ARG A 540 3.42 15.65 20.26
CA ARG A 540 3.30 14.31 19.66
C ARG A 540 2.79 14.32 18.24
N VAL A 541 2.04 15.37 17.87
CA VAL A 541 1.61 15.49 16.49
C VAL A 541 2.87 15.61 15.62
N LEU A 542 3.69 16.63 15.90
CA LEU A 542 4.88 16.86 15.14
C LEU A 542 5.91 15.73 15.26
N ALA A 543 6.12 15.24 16.47
CA ALA A 543 7.05 14.16 16.72
C ALA A 543 6.65 12.86 16.02
N SER A 544 5.36 12.56 15.98
CA SER A 544 4.91 11.35 15.26
C SER A 544 5.22 11.45 13.79
N ALA A 545 4.91 12.59 13.19
CA ALA A 545 5.27 12.86 11.81
C ALA A 545 6.78 12.71 11.60
N ALA A 546 7.58 13.27 12.50
CA ALA A 546 9.04 13.21 12.40
C ALA A 546 9.53 11.78 12.35
N TYR A 547 8.95 10.95 13.21
CA TYR A 547 9.35 9.55 13.32
C TYR A 547 9.16 8.80 11.98
N ASN A 548 8.10 9.17 11.25
CA ASN A 548 7.80 8.58 9.96
C ASN A 548 8.46 9.25 8.78
N ALA A 549 8.71 10.55 8.85
CA ALA A 549 9.17 11.30 7.66
C ALA A 549 10.45 12.08 7.87
N GLY A 550 11.06 11.94 9.05
CA GLY A 550 12.29 12.65 9.37
C GLY A 550 12.07 14.08 9.78
N PRO A 551 12.87 14.60 10.73
CA PRO A 551 12.74 15.98 11.23
C PRO A 551 12.85 17.10 10.20
N GLY A 552 13.61 16.87 9.15
CA GLY A 552 13.77 17.89 8.13
C GLY A 552 12.50 18.17 7.38
N ARG A 553 11.81 17.11 7.00
CA ARG A 553 10.58 17.23 6.23
C ARG A 553 9.43 17.93 7.01
N VAL A 554 9.37 17.67 8.32
CA VAL A 554 8.36 18.23 9.18
C VAL A 554 8.62 19.73 9.37
N ARG A 555 9.89 20.11 9.52
CA ARG A 555 10.28 21.52 9.58
C ARG A 555 9.95 22.32 8.32
N GLN A 556 9.92 21.68 7.16
CA GLN A 556 9.48 22.37 5.95
C GLN A 556 7.99 22.63 6.01
N TRP A 557 7.23 21.64 6.50
CA TRP A 557 5.76 21.73 6.60
C TRP A 557 5.24 22.71 7.69
N LEU A 558 6.14 23.15 8.57
CA LEU A 558 5.83 24.10 9.62
C LEU A 558 6.15 25.56 9.26
N LYS A 559 6.70 25.83 8.09
CA LYS A 559 6.93 27.23 7.76
C LYS A 559 5.90 27.67 6.75
N ASP A 560 5.56 28.94 6.72
CA ASP A 560 5.51 29.78 7.92
C ASP A 560 4.10 29.59 8.42
N THR A 561 3.98 28.86 9.51
CA THR A 561 2.74 28.74 10.21
C THR A 561 2.83 29.80 11.30
N ARG A 562 1.68 30.32 11.68
CA ARG A 562 1.59 31.12 12.87
C ARG A 562 0.24 30.77 13.43
N HIS A 563 0.18 30.29 14.67
CA HIS A 563 -1.11 29.99 15.29
C HIS A 563 -1.96 29.08 14.33
N LEU A 564 -1.36 28.01 13.79
CA LEU A 564 -2.05 27.11 12.87
C LEU A 564 -2.59 26.01 13.72
N ALA A 565 -3.88 25.74 13.58
CA ALA A 565 -4.56 24.73 14.34
C ALA A 565 -3.97 23.37 14.01
N PHE A 566 -3.91 22.51 14.99
CA PHE A 566 -3.34 21.21 14.77
C PHE A 566 -4.15 20.42 13.69
N ASP A 567 -5.48 20.52 13.69
CA ASP A 567 -6.28 19.66 12.77
C ASP A 567 -6.08 20.06 11.31
N VAL A 568 -6.04 21.35 11.04
CA VAL A 568 -5.63 21.88 9.72
C VAL A 568 -4.20 21.42 9.33
N TRP A 569 -3.26 21.44 10.26
CA TRP A 569 -1.93 21.08 9.93
C TRP A 569 -1.89 19.62 9.57
N ILE A 570 -2.49 18.76 10.40
CA ILE A 570 -2.55 17.34 10.11
C ILE A 570 -3.16 17.11 8.73
N GLU A 571 -4.24 17.81 8.43
CA GLU A 571 -5.00 17.53 7.20
C GLU A 571 -4.25 17.98 5.95
N THR A 572 -3.38 18.97 6.12
CA THR A 572 -2.63 19.50 5.01
C THR A 572 -1.20 18.96 4.93
N ILE A 573 -0.93 17.80 5.52
CA ILE A 573 0.37 17.18 5.39
C ILE A 573 0.41 16.75 3.92
N PRO A 574 1.50 17.08 3.21
CA PRO A 574 1.61 16.77 1.79
C PRO A 574 1.53 15.30 1.44
N PHE A 575 2.19 14.45 2.21
CA PHE A 575 2.26 13.00 1.91
C PHE A 575 1.09 12.26 2.55
N ASP A 576 0.31 11.53 1.75
CA ASP A 576 -0.77 10.71 2.28
C ASP A 576 -0.24 9.74 3.33
N GLU A 577 0.93 9.14 3.09
CA GLU A 577 1.47 8.11 3.98
C GLU A 577 1.60 8.66 5.39
N THR A 578 2.12 9.90 5.52
CA THR A 578 2.34 10.42 6.88
C THR A 578 1.12 11.08 7.54
N ARG A 579 0.25 11.72 6.78
CA ARG A 579 -1.05 12.12 7.27
C ARG A 579 -1.75 10.97 7.95
N GLN A 580 -1.79 9.83 7.26
CA GLN A 580 -2.45 8.67 7.85
C GLN A 580 -1.66 8.13 9.05
N TYR A 581 -0.35 8.19 9.01
CA TYR A 581 0.47 7.63 10.07
C TYR A 581 0.18 8.42 11.36
N VAL A 582 0.08 9.74 11.22
CA VAL A 582 -0.16 10.62 12.33
C VAL A 582 -1.56 10.41 12.89
N GLN A 583 -2.55 10.42 12.01
CA GLN A 583 -3.92 10.17 12.46
C GLN A 583 -4.10 8.82 13.16
N ASN A 584 -3.45 7.79 12.64
CA ASN A 584 -3.50 6.47 13.24
C ASN A 584 -2.89 6.50 14.65
N VAL A 585 -1.65 6.97 14.73
CA VAL A 585 -0.93 6.96 15.98
C VAL A 585 -1.70 7.75 17.07
N LEU A 586 -2.18 8.93 16.73
CA LEU A 586 -3.00 9.68 17.65
C LEU A 586 -4.24 8.89 18.09
N SER A 587 -4.88 8.22 17.14
CA SER A 587 -6.13 7.50 17.40
C SER A 587 -5.83 6.30 18.28
N TYR A 588 -4.75 5.61 17.96
CA TYR A 588 -4.41 4.42 18.70
C TYR A 588 -4.07 4.79 20.13
N ALA A 589 -3.42 5.93 20.31
CA ALA A 589 -2.97 6.32 21.63
C ALA A 589 -4.16 6.60 22.53
N VAL A 590 -5.23 7.15 21.95
CA VAL A 590 -6.46 7.34 22.67
C VAL A 590 -6.96 5.98 23.13
N ILE A 591 -7.03 5.02 22.23
CA ILE A 591 -7.52 3.69 22.58
C ILE A 591 -6.63 3.01 23.63
N TYR A 592 -5.31 3.07 23.48
CA TYR A 592 -4.43 2.53 24.51
C TYR A 592 -4.52 3.25 25.86
N GLY A 593 -4.80 4.54 25.79
CA GLY A 593 -5.07 5.33 26.97
C GLY A 593 -6.17 4.74 27.81
N GLN A 594 -7.30 4.35 27.20
CA GLN A 594 -8.37 3.72 27.96
C GLN A 594 -7.95 2.35 28.45
N LYS A 595 -7.33 1.52 27.61
CA LYS A 595 -6.86 0.20 28.08
C LYS A 595 -5.78 0.28 29.18
N LEU A 596 -4.96 1.31 29.21
CA LEU A 596 -3.97 1.39 30.27
C LEU A 596 -4.52 2.12 31.52
N ASN A 597 -5.77 2.56 31.45
CA ASN A 597 -6.31 3.44 32.48
C ASN A 597 -5.41 4.70 32.71
N ALA A 598 -4.92 5.26 31.61
CA ALA A 598 -4.15 6.49 31.59
C ALA A 598 -4.77 7.30 30.45
N PRO A 599 -5.93 7.95 30.69
CA PRO A 599 -6.66 8.68 29.64
C PRO A 599 -5.84 9.72 28.88
N GLN A 600 -6.03 9.73 27.56
CA GLN A 600 -5.20 10.49 26.65
C GLN A 600 -6.14 11.13 25.65
N PRO A 601 -6.25 12.47 25.69
CA PRO A 601 -7.08 13.11 24.66
C PRO A 601 -6.43 13.04 23.27
N ILE A 602 -7.25 13.14 22.24
CA ILE A 602 -6.74 13.02 20.86
C ILE A 602 -5.57 13.95 20.63
N VAL A 603 -5.68 15.23 21.05
CA VAL A 603 -4.53 16.11 21.21
C VAL A 603 -4.54 16.78 22.58
N ASP A 604 -3.36 16.96 23.15
CA ASP A 604 -3.19 17.69 24.40
C ASP A 604 -3.43 19.19 24.22
N TRP A 605 -3.71 19.87 25.31
CA TRP A 605 -3.80 21.32 25.31
C TRP A 605 -2.63 22.04 24.61
N HIS A 606 -1.41 21.60 24.90
CA HIS A 606 -0.21 22.25 24.35
C HIS A 606 0.07 21.94 22.93
N GLU A 607 -0.68 20.99 22.33
CA GLU A 607 -0.50 20.58 20.94
C GLU A 607 -1.46 21.28 19.98
N ARG A 608 -2.50 21.93 20.47
CA ARG A 608 -3.58 22.43 19.60
C ARG A 608 -3.17 23.51 18.63
N TYR A 609 -2.21 24.33 19.02
CA TYR A 609 -1.59 25.30 18.13
C TYR A 609 -0.12 25.15 18.38
N PHE A 610 0.70 25.48 17.42
CA PHE A 610 2.13 25.20 17.55
C PHE A 610 2.89 26.49 17.96
N ALA B 1 -1.68 -4.07 6.66
CA ALA B 1 -2.65 -5.09 7.11
C ALA B 1 -3.89 -4.53 7.80
#